data_1P8B
#
_entry.id   1P8B
#
_entity_poly.entity_id   1
_entity_poly.type   'polypeptide(L)'
_entity_poly.pdbx_seq_one_letter_code
;ASCNGVCSPFEMPPCGTSACRCIPVGLVIGYCRNPSG
;
_entity_poly.pdbx_strand_id   A
#
# COMPACT_ATOMS: atom_id res chain seq x y z
N ALA A 1 -13.20 -5.91 -0.52
CA ALA A 1 -12.86 -5.02 0.61
C ALA A 1 -11.94 -3.91 0.14
N SER A 2 -12.25 -2.68 0.54
CA SER A 2 -11.45 -1.53 0.16
C SER A 2 -10.07 -1.60 0.80
N CYS A 3 -9.04 -1.42 -0.01
CA CYS A 3 -7.67 -1.48 0.47
C CYS A 3 -7.35 -0.33 1.42
N ASN A 4 -6.74 -0.67 2.55
CA ASN A 4 -6.34 0.30 3.56
C ASN A 4 -5.53 -0.38 4.66
N GLY A 5 -4.43 0.25 5.05
CA GLY A 5 -3.58 -0.29 6.09
C GLY A 5 -2.18 0.27 6.00
N VAL A 6 -1.20 -0.50 6.44
CA VAL A 6 0.19 -0.09 6.39
C VAL A 6 0.98 -1.07 5.53
N CYS A 7 1.90 -0.56 4.75
CA CYS A 7 2.71 -1.39 3.87
C CYS A 7 4.07 -0.78 3.66
N SER A 8 5.05 -1.63 3.43
CA SER A 8 6.39 -1.15 3.14
C SER A 8 6.42 -0.85 1.65
N PRO A 9 6.94 0.32 1.25
CA PRO A 9 6.97 0.71 -0.16
C PRO A 9 7.82 -0.24 -1.01
N PHE A 10 8.55 -1.11 -0.34
CA PHE A 10 9.40 -2.08 -1.00
C PHE A 10 8.62 -3.37 -1.28
N GLU A 11 7.53 -3.56 -0.54
CA GLU A 11 6.69 -4.75 -0.69
C GLU A 11 5.89 -4.69 -1.98
N MET A 12 5.93 -5.78 -2.73
CA MET A 12 5.16 -5.89 -3.96
C MET A 12 4.64 -7.32 -4.10
N PRO A 13 3.32 -7.50 -4.14
CA PRO A 13 2.36 -6.40 -4.04
C PRO A 13 2.06 -6.02 -2.59
N PRO A 14 1.89 -4.72 -2.31
CA PRO A 14 1.60 -4.23 -0.96
C PRO A 14 0.22 -4.65 -0.48
N CYS A 15 0.13 -5.01 0.81
CA CYS A 15 -1.14 -5.45 1.42
C CYS A 15 -1.70 -6.69 0.71
N GLY A 16 -0.80 -7.51 0.18
CA GLY A 16 -1.20 -8.73 -0.49
C GLY A 16 -2.17 -8.54 -1.63
N THR A 17 -1.92 -7.54 -2.47
CA THR A 17 -2.78 -7.28 -3.62
C THR A 17 -2.15 -6.29 -4.58
N SER A 18 -2.20 -6.60 -5.86
CA SER A 18 -1.62 -5.75 -6.88
C SER A 18 -2.62 -4.69 -7.33
N ALA A 19 -3.86 -4.82 -6.85
CA ALA A 19 -4.91 -3.88 -7.19
C ALA A 19 -4.76 -2.58 -6.42
N CYS A 20 -4.06 -2.66 -5.30
CA CYS A 20 -3.84 -1.50 -4.44
C CYS A 20 -2.46 -0.90 -4.72
N ARG A 21 -2.17 0.20 -4.05
CA ARG A 21 -0.88 0.84 -4.19
C ARG A 21 -0.41 1.34 -2.83
N CYS A 22 0.89 1.25 -2.60
CA CYS A 22 1.46 1.64 -1.31
C CYS A 22 1.98 3.07 -1.36
N ILE A 23 1.53 3.89 -0.43
CA ILE A 23 1.97 5.27 -0.33
C ILE A 23 3.19 5.33 0.57
N PRO A 24 4.36 5.71 0.03
CA PRO A 24 5.61 5.77 0.80
C PRO A 24 5.69 6.95 1.75
N VAL A 25 4.81 6.99 2.74
CA VAL A 25 4.81 8.05 3.75
C VAL A 25 5.80 7.71 4.85
N GLY A 26 6.98 7.27 4.43
CA GLY A 26 8.02 6.89 5.34
C GLY A 26 9.21 6.36 4.59
N LEU A 27 10.35 6.27 5.25
CA LEU A 27 11.57 5.77 4.62
C LEU A 27 11.38 4.34 4.16
N VAL A 28 10.87 3.49 5.04
CA VAL A 28 10.63 2.09 4.71
C VAL A 28 9.25 1.66 5.17
N ILE A 29 8.34 2.62 5.29
CA ILE A 29 6.98 2.33 5.70
C ILE A 29 6.01 3.33 5.10
N GLY A 30 4.83 2.86 4.76
CA GLY A 30 3.81 3.70 4.19
C GLY A 30 2.45 3.17 4.53
N TYR A 31 1.46 3.46 3.71
CA TYR A 31 0.13 2.96 3.98
C TYR A 31 -0.55 2.50 2.70
N CYS A 32 -1.32 1.44 2.82
CA CYS A 32 -2.03 0.88 1.68
C CYS A 32 -3.21 1.76 1.34
N ARG A 33 -3.32 2.16 0.10
CA ARG A 33 -4.42 2.99 -0.32
C ARG A 33 -4.87 2.56 -1.69
N ASN A 34 -6.17 2.33 -1.82
CA ASN A 34 -6.75 1.88 -3.06
C ASN A 34 -6.84 3.03 -4.05
N PRO A 35 -6.48 2.79 -5.32
CA PRO A 35 -6.53 3.79 -6.38
C PRO A 35 -7.96 4.04 -6.85
N SER A 36 -8.90 3.91 -5.93
CA SER A 36 -10.32 4.11 -6.23
C SER A 36 -10.97 4.95 -5.14
N GLY A 37 -10.23 5.94 -4.64
CA GLY A 37 -10.74 6.79 -3.59
C GLY A 37 -9.66 7.63 -2.96
N ALA A 1 -13.25 -5.54 -1.02
CA ALA A 1 -12.93 -4.99 0.32
C ALA A 1 -12.14 -3.69 0.17
N SER A 2 -12.46 -2.71 1.00
CA SER A 2 -11.78 -1.43 0.96
C SER A 2 -10.37 -1.55 1.53
N CYS A 3 -9.38 -1.43 0.66
CA CYS A 3 -7.98 -1.51 1.06
C CYS A 3 -7.62 -0.36 1.98
N ASN A 4 -7.04 -0.66 3.13
CA ASN A 4 -6.66 0.35 4.10
C ASN A 4 -5.80 -0.25 5.21
N GLY A 5 -4.69 0.40 5.52
CA GLY A 5 -3.80 -0.07 6.55
C GLY A 5 -2.40 0.49 6.39
N VAL A 6 -1.41 -0.30 6.76
CA VAL A 6 -0.02 0.10 6.64
C VAL A 6 0.74 -0.90 5.78
N CYS A 7 1.62 -0.41 4.93
CA CYS A 7 2.40 -1.28 4.06
C CYS A 7 3.84 -0.81 4.00
N SER A 8 4.55 -1.23 2.96
CA SER A 8 5.94 -0.87 2.77
C SER A 8 6.23 -0.74 1.28
N PRO A 9 6.99 0.28 0.88
CA PRO A 9 7.34 0.53 -0.53
C PRO A 9 8.21 -0.58 -1.12
N PHE A 10 8.70 -1.46 -0.26
CA PHE A 10 9.55 -2.56 -0.68
C PHE A 10 8.71 -3.77 -1.08
N GLU A 11 7.48 -3.80 -0.59
CA GLU A 11 6.55 -4.89 -0.87
C GLU A 11 6.13 -4.88 -2.34
N MET A 12 6.16 -6.04 -2.97
CA MET A 12 5.76 -6.17 -4.36
C MET A 12 5.05 -7.50 -4.58
N PRO A 13 3.71 -7.51 -4.72
CA PRO A 13 2.90 -6.30 -4.66
C PRO A 13 2.69 -5.83 -3.22
N PRO A 14 2.63 -4.51 -3.01
CA PRO A 14 2.45 -3.92 -1.69
C PRO A 14 1.11 -4.26 -1.06
N CYS A 15 1.12 -4.44 0.26
CA CYS A 15 -0.07 -4.76 1.03
C CYS A 15 -0.68 -6.09 0.59
N GLY A 16 0.16 -6.97 0.06
CA GLY A 16 -0.26 -8.28 -0.38
C GLY A 16 -1.37 -8.27 -1.42
N THR A 17 -1.32 -7.32 -2.35
CA THR A 17 -2.34 -7.23 -3.39
C THR A 17 -1.92 -6.23 -4.47
N SER A 18 -2.18 -6.59 -5.71
CA SER A 18 -1.85 -5.74 -6.85
C SER A 18 -2.99 -4.77 -7.14
N ALA A 19 -4.17 -5.08 -6.60
CA ALA A 19 -5.35 -4.25 -6.80
C ALA A 19 -5.24 -2.93 -6.05
N CYS A 20 -4.53 -2.96 -4.93
CA CYS A 20 -4.34 -1.78 -4.11
C CYS A 20 -2.98 -1.16 -4.41
N ARG A 21 -2.65 -0.09 -3.71
CA ARG A 21 -1.36 0.56 -3.90
C ARG A 21 -0.82 1.01 -2.55
N CYS A 22 0.49 1.08 -2.43
CA CYS A 22 1.11 1.49 -1.20
C CYS A 22 1.59 2.93 -1.27
N ILE A 23 1.16 3.74 -0.32
CA ILE A 23 1.57 5.13 -0.26
C ILE A 23 2.83 5.22 0.58
N PRO A 24 3.98 5.56 -0.02
CA PRO A 24 5.26 5.64 0.67
C PRO A 24 5.43 6.87 1.55
N VAL A 25 4.63 6.95 2.61
CA VAL A 25 4.71 8.05 3.56
C VAL A 25 5.76 7.74 4.63
N GLY A 26 6.85 7.13 4.20
CA GLY A 26 7.92 6.75 5.08
C GLY A 26 9.01 6.02 4.33
N LEU A 27 10.24 6.10 4.83
CA LEU A 27 11.38 5.45 4.19
C LEU A 27 11.14 3.95 3.97
N VAL A 28 10.66 3.26 4.99
CA VAL A 28 10.40 1.83 4.88
C VAL A 28 8.99 1.48 5.36
N ILE A 29 8.11 2.47 5.35
CA ILE A 29 6.74 2.27 5.77
C ILE A 29 5.80 3.22 5.06
N GLY A 30 4.62 2.73 4.74
CA GLY A 30 3.61 3.53 4.10
C GLY A 30 2.24 3.11 4.55
N TYR A 31 1.22 3.41 3.77
CA TYR A 31 -0.13 3.01 4.14
C TYR A 31 -0.89 2.53 2.91
N CYS A 32 -1.68 1.49 3.09
CA CYS A 32 -2.43 0.91 2.00
C CYS A 32 -3.62 1.79 1.61
N ARG A 33 -3.69 2.14 0.34
CA ARG A 33 -4.77 2.96 -0.16
C ARG A 33 -5.16 2.49 -1.55
N ASN A 34 -6.46 2.43 -1.81
CA ASN A 34 -6.94 2.00 -3.11
C ASN A 34 -6.56 3.01 -4.18
N PRO A 35 -6.17 2.54 -5.37
CA PRO A 35 -5.78 3.41 -6.49
C PRO A 35 -6.97 4.17 -7.08
N SER A 36 -7.95 4.48 -6.25
CA SER A 36 -9.13 5.21 -6.67
C SER A 36 -9.15 6.59 -6.02
N GLY A 37 -9.02 6.60 -4.72
CA GLY A 37 -9.02 7.85 -3.98
C GLY A 37 -9.66 7.70 -2.62
N ALA A 1 -13.34 -5.18 -1.39
CA ALA A 1 -12.95 -4.69 -0.04
C ALA A 1 -12.18 -3.39 -0.15
N SER A 2 -12.49 -2.45 0.72
CA SER A 2 -11.80 -1.16 0.72
C SER A 2 -10.40 -1.31 1.28
N CYS A 3 -9.41 -1.09 0.43
CA CYS A 3 -8.01 -1.23 0.83
C CYS A 3 -7.56 -0.07 1.71
N ASN A 4 -7.03 -0.41 2.88
CA ASN A 4 -6.51 0.56 3.82
C ASN A 4 -5.73 -0.14 4.92
N GLY A 5 -4.48 0.26 5.09
CA GLY A 5 -3.61 -0.33 6.08
C GLY A 5 -2.21 0.17 5.92
N VAL A 6 -1.23 -0.63 6.29
CA VAL A 6 0.16 -0.25 6.17
C VAL A 6 0.86 -1.09 5.10
N CYS A 7 1.75 -0.45 4.35
CA CYS A 7 2.48 -1.12 3.29
C CYS A 7 3.95 -0.76 3.35
N SER A 8 4.80 -1.66 2.89
CA SER A 8 6.23 -1.43 2.87
C SER A 8 6.70 -1.32 1.42
N PRO A 9 7.51 -0.30 1.11
CA PRO A 9 8.03 -0.08 -0.25
C PRO A 9 8.98 -1.19 -0.69
N PHE A 10 9.34 -2.04 0.26
CA PHE A 10 10.24 -3.16 -0.02
C PHE A 10 9.45 -4.37 -0.49
N GLU A 11 8.25 -4.52 0.03
CA GLU A 11 7.38 -5.63 -0.35
C GLU A 11 6.57 -5.28 -1.59
N MET A 12 6.57 -6.17 -2.57
CA MET A 12 5.82 -5.95 -3.80
C MET A 12 5.22 -7.27 -4.29
N PRO A 13 3.87 -7.39 -4.27
CA PRO A 13 2.96 -6.34 -3.80
C PRO A 13 3.12 -6.06 -2.31
N PRO A 14 2.99 -4.79 -1.92
CA PRO A 14 3.14 -4.36 -0.53
C PRO A 14 2.18 -5.07 0.43
N CYS A 15 0.91 -4.70 0.39
CA CYS A 15 -0.08 -5.32 1.27
C CYS A 15 -0.45 -6.71 0.77
N GLY A 16 -0.75 -6.83 -0.52
CA GLY A 16 -1.10 -8.12 -1.07
C GLY A 16 -1.76 -8.04 -2.43
N THR A 17 -2.86 -7.30 -2.51
CA THR A 17 -3.56 -7.15 -3.76
C THR A 17 -2.92 -6.07 -4.63
N SER A 18 -2.69 -6.39 -5.88
CA SER A 18 -2.09 -5.45 -6.82
C SER A 18 -3.09 -4.33 -7.16
N ALA A 19 -4.35 -4.60 -6.89
CA ALA A 19 -5.43 -3.65 -7.14
C ALA A 19 -5.26 -2.39 -6.28
N CYS A 20 -4.52 -2.52 -5.20
CA CYS A 20 -4.29 -1.40 -4.29
C CYS A 20 -2.94 -0.74 -4.59
N ARG A 21 -2.68 0.37 -3.96
CA ARG A 21 -1.42 1.08 -4.14
C ARG A 21 -0.83 1.49 -2.79
N CYS A 22 0.49 1.48 -2.72
CA CYS A 22 1.18 1.83 -1.50
C CYS A 22 1.59 3.30 -1.48
N ILE A 23 1.26 3.98 -0.40
CA ILE A 23 1.61 5.37 -0.23
C ILE A 23 2.83 5.44 0.69
N PRO A 24 4.02 5.69 0.13
CA PRO A 24 5.27 5.73 0.89
C PRO A 24 5.42 6.94 1.80
N VAL A 25 4.61 7.01 2.84
CA VAL A 25 4.68 8.11 3.81
C VAL A 25 5.75 7.82 4.86
N GLY A 26 6.83 7.21 4.40
CA GLY A 26 7.92 6.85 5.27
C GLY A 26 9.09 6.32 4.46
N LEU A 27 10.27 6.36 5.04
CA LEU A 27 11.47 5.88 4.37
C LEU A 27 11.37 4.40 4.05
N VAL A 28 10.82 3.62 4.97
CA VAL A 28 10.67 2.19 4.77
C VAL A 28 9.26 1.72 5.15
N ILE A 29 8.32 2.64 5.17
CA ILE A 29 6.94 2.31 5.50
C ILE A 29 5.97 3.28 4.83
N GLY A 30 4.71 2.87 4.76
CA GLY A 30 3.69 3.69 4.17
C GLY A 30 2.33 3.14 4.50
N TYR A 31 1.33 3.47 3.71
CA TYR A 31 -0.01 2.96 3.97
C TYR A 31 -0.70 2.60 2.66
N CYS A 32 -1.45 1.52 2.67
CA CYS A 32 -2.17 1.09 1.47
C CYS A 32 -3.45 1.88 1.30
N ARG A 33 -3.69 2.30 0.06
CA ARG A 33 -4.87 3.06 -0.27
C ARG A 33 -5.36 2.63 -1.64
N ASN A 34 -6.67 2.50 -1.79
CA ASN A 34 -7.23 2.11 -3.07
C ASN A 34 -7.16 3.26 -4.05
N PRO A 35 -6.73 2.98 -5.29
CA PRO A 35 -6.62 4.00 -6.34
C PRO A 35 -7.98 4.64 -6.61
N SER A 36 -9.03 3.85 -6.45
CA SER A 36 -10.39 4.31 -6.66
C SER A 36 -11.35 3.53 -5.78
N GLY A 37 -11.13 2.24 -5.73
CA GLY A 37 -11.95 1.35 -4.93
C GLY A 37 -11.60 -0.10 -5.17
N ALA A 1 -10.36 -2.81 -3.84
CA ALA A 1 -11.38 -2.88 -2.77
C ALA A 1 -11.11 -1.83 -1.70
N SER A 2 -11.48 -2.11 -0.47
CA SER A 2 -11.27 -1.18 0.64
C SER A 2 -9.82 -1.19 1.11
N CYS A 3 -8.90 -0.87 0.21
CA CYS A 3 -7.48 -0.85 0.53
C CYS A 3 -7.16 0.25 1.54
N ASN A 4 -6.63 -0.14 2.70
CA ASN A 4 -6.26 0.83 3.73
C ASN A 4 -5.53 0.14 4.87
N GLY A 5 -4.44 0.74 5.30
CA GLY A 5 -3.65 0.20 6.39
C GLY A 5 -2.21 0.63 6.27
N VAL A 6 -1.29 -0.25 6.62
CA VAL A 6 0.13 0.06 6.52
C VAL A 6 0.77 -0.87 5.49
N CYS A 7 1.74 -0.36 4.75
CA CYS A 7 2.40 -1.16 3.73
C CYS A 7 3.85 -0.75 3.57
N SER A 8 4.70 -1.71 3.28
CA SER A 8 6.11 -1.44 3.06
C SER A 8 6.37 -1.35 1.57
N PRO A 9 7.07 -0.29 1.12
CA PRO A 9 7.38 -0.08 -0.30
C PRO A 9 8.33 -1.13 -0.86
N PHE A 10 8.76 -2.05 0.00
CA PHE A 10 9.66 -3.12 -0.40
C PHE A 10 8.87 -4.32 -0.89
N GLU A 11 7.72 -4.56 -0.28
CA GLU A 11 6.86 -5.66 -0.65
C GLU A 11 6.17 -5.38 -1.99
N MET A 12 6.19 -6.35 -2.88
CA MET A 12 5.55 -6.20 -4.18
C MET A 12 4.87 -7.49 -4.60
N PRO A 13 3.57 -7.44 -4.89
CA PRO A 13 2.78 -6.20 -4.84
C PRO A 13 2.43 -5.80 -3.41
N PRO A 14 2.49 -4.49 -3.11
CA PRO A 14 2.17 -3.96 -1.78
C PRO A 14 0.77 -4.35 -1.31
N CYS A 15 0.62 -4.47 0.00
CA CYS A 15 -0.65 -4.85 0.63
C CYS A 15 -1.04 -6.29 0.25
N GLY A 16 -0.08 -7.03 -0.30
CA GLY A 16 -0.34 -8.40 -0.70
C GLY A 16 -1.38 -8.49 -1.81
N THR A 17 -1.44 -7.46 -2.65
CA THR A 17 -2.40 -7.45 -3.75
C THR A 17 -2.03 -6.37 -4.77
N SER A 18 -2.19 -6.70 -6.04
CA SER A 18 -1.88 -5.79 -7.13
C SER A 18 -2.91 -4.66 -7.22
N ALA A 19 -4.10 -4.91 -6.67
CA ALA A 19 -5.20 -3.95 -6.70
C ALA A 19 -4.97 -2.74 -5.78
N CYS A 20 -4.22 -2.95 -4.70
CA CYS A 20 -3.98 -1.86 -3.74
C CYS A 20 -2.62 -1.21 -3.97
N ARG A 21 -2.57 0.11 -3.84
CA ARG A 21 -1.32 0.85 -4.00
C ARG A 21 -0.78 1.26 -2.64
N CYS A 22 0.54 1.33 -2.54
CA CYS A 22 1.18 1.70 -1.28
C CYS A 22 1.64 3.14 -1.30
N ILE A 23 1.30 3.89 -0.26
CA ILE A 23 1.71 5.29 -0.13
C ILE A 23 2.92 5.38 0.79
N PRO A 24 4.13 5.56 0.22
CA PRO A 24 5.39 5.62 0.98
C PRO A 24 5.56 6.93 1.76
N VAL A 25 4.74 7.13 2.79
CA VAL A 25 4.83 8.32 3.62
C VAL A 25 6.13 8.30 4.43
N GLY A 26 6.50 7.13 4.89
CA GLY A 26 7.74 6.96 5.64
C GLY A 26 8.87 6.56 4.72
N LEU A 27 10.03 6.25 5.28
CA LEU A 27 11.17 5.84 4.49
C LEU A 27 10.99 4.41 3.98
N VAL A 28 10.73 3.49 4.89
CA VAL A 28 10.54 2.09 4.53
C VAL A 28 9.17 1.62 4.98
N ILE A 29 8.29 2.57 5.22
CA ILE A 29 6.93 2.28 5.65
C ILE A 29 5.97 3.29 5.06
N GLY A 30 4.75 2.88 4.88
CA GLY A 30 3.74 3.76 4.33
C GLY A 30 2.37 3.28 4.70
N TYR A 31 1.37 3.70 3.97
CA TYR A 31 0.02 3.26 4.26
C TYR A 31 -0.67 2.81 2.99
N CYS A 32 -1.41 1.72 3.10
CA CYS A 32 -2.11 1.16 1.96
C CYS A 32 -3.32 2.01 1.61
N ARG A 33 -3.49 2.27 0.32
CA ARG A 33 -4.61 3.07 -0.15
C ARG A 33 -5.15 2.52 -1.46
N ASN A 34 -6.46 2.50 -1.59
CA ASN A 34 -7.10 2.01 -2.80
C ASN A 34 -7.04 3.05 -3.90
N PRO A 35 -6.63 2.64 -5.10
CA PRO A 35 -6.54 3.55 -6.25
C PRO A 35 -7.90 3.81 -6.88
N SER A 36 -8.95 3.51 -6.13
CA SER A 36 -10.31 3.72 -6.60
C SER A 36 -10.78 5.12 -6.26
N GLY A 37 -10.36 5.60 -5.10
CA GLY A 37 -10.73 6.92 -4.66
C GLY A 37 -10.04 7.29 -3.36
N ALA A 1 -12.20 -3.49 -3.45
CA ALA A 1 -11.77 -3.88 -2.10
C ALA A 1 -11.44 -2.65 -1.27
N SER A 2 -11.82 -2.68 0.00
CA SER A 2 -11.56 -1.57 0.91
C SER A 2 -10.09 -1.53 1.28
N CYS A 3 -9.28 -0.95 0.41
CA CYS A 3 -7.85 -0.85 0.62
C CYS A 3 -7.54 0.09 1.79
N ASN A 4 -6.88 -0.45 2.80
CA ASN A 4 -6.50 0.32 3.98
C ASN A 4 -5.65 -0.52 4.91
N GLY A 5 -4.49 -0.01 5.28
CA GLY A 5 -3.57 -0.70 6.15
C GLY A 5 -2.17 -0.20 5.98
N VAL A 6 -1.19 -1.04 6.20
CA VAL A 6 0.20 -0.67 6.05
C VAL A 6 0.81 -1.38 4.84
N CYS A 7 1.74 -0.71 4.16
CA CYS A 7 2.39 -1.27 2.99
C CYS A 7 3.84 -0.80 2.96
N SER A 8 4.76 -1.69 2.61
CA SER A 8 6.16 -1.32 2.55
C SER A 8 6.59 -1.11 1.10
N PRO A 9 7.36 -0.03 0.83
CA PRO A 9 7.85 0.28 -0.52
C PRO A 9 8.78 -0.80 -1.05
N PHE A 10 9.33 -1.58 -0.14
CA PHE A 10 10.24 -2.66 -0.49
C PHE A 10 9.47 -3.94 -0.76
N GLU A 11 8.43 -4.17 0.04
CA GLU A 11 7.59 -5.36 -0.11
C GLU A 11 6.79 -5.26 -1.40
N MET A 12 6.70 -6.36 -2.14
CA MET A 12 5.95 -6.39 -3.38
C MET A 12 5.23 -7.73 -3.54
N PRO A 13 3.88 -7.73 -3.55
CA PRO A 13 3.07 -6.51 -3.40
C PRO A 13 3.11 -5.97 -1.98
N PRO A 14 3.26 -4.63 -1.85
CA PRO A 14 3.33 -3.95 -0.54
C PRO A 14 2.11 -4.24 0.35
N CYS A 15 0.95 -3.91 -0.17
CA CYS A 15 -0.30 -4.12 0.55
C CYS A 15 -0.70 -5.59 0.54
N GLY A 16 -0.27 -6.29 -0.49
CA GLY A 16 -0.59 -7.70 -0.62
C GLY A 16 -1.68 -7.93 -1.65
N THR A 17 -1.69 -7.07 -2.67
CA THR A 17 -2.65 -7.13 -3.75
C THR A 17 -2.37 -6.02 -4.74
N SER A 18 -2.49 -6.33 -6.03
CA SER A 18 -2.25 -5.35 -7.07
C SER A 18 -3.44 -4.38 -7.16
N ALA A 19 -4.59 -4.84 -6.65
CA ALA A 19 -5.80 -4.04 -6.67
C ALA A 19 -5.68 -2.80 -5.78
N CYS A 20 -4.80 -2.86 -4.81
CA CYS A 20 -4.58 -1.75 -3.89
C CYS A 20 -3.19 -1.16 -4.09
N ARG A 21 -3.05 0.15 -3.96
CA ARG A 21 -1.75 0.79 -4.15
C ARG A 21 -1.12 1.16 -2.80
N CYS A 22 0.20 1.27 -2.80
CA CYS A 22 0.93 1.60 -1.60
C CYS A 22 1.27 3.08 -1.56
N ILE A 23 0.96 3.72 -0.44
CA ILE A 23 1.27 5.12 -0.24
C ILE A 23 2.50 5.23 0.63
N PRO A 24 3.66 5.59 0.04
CA PRO A 24 4.95 5.67 0.76
C PRO A 24 5.06 6.87 1.70
N VAL A 25 4.27 6.86 2.77
CA VAL A 25 4.32 7.93 3.76
C VAL A 25 5.42 7.66 4.79
N GLY A 26 6.52 7.13 4.30
CA GLY A 26 7.65 6.79 5.14
C GLY A 26 8.80 6.27 4.30
N LEU A 27 10.00 6.27 4.86
CA LEU A 27 11.18 5.81 4.15
C LEU A 27 11.07 4.32 3.80
N VAL A 28 10.68 3.51 4.79
CA VAL A 28 10.55 2.08 4.58
C VAL A 28 9.17 1.59 4.99
N ILE A 29 8.22 2.51 5.06
CA ILE A 29 6.86 2.17 5.43
C ILE A 29 5.87 3.14 4.81
N GLY A 30 4.65 2.68 4.64
CA GLY A 30 3.60 3.49 4.07
C GLY A 30 2.26 2.92 4.47
N TYR A 31 1.22 3.21 3.72
CA TYR A 31 -0.08 2.66 4.02
C TYR A 31 -0.83 2.26 2.77
N CYS A 32 -1.57 1.18 2.87
CA CYS A 32 -2.35 0.67 1.76
C CYS A 32 -3.56 1.55 1.54
N ARG A 33 -3.74 2.01 0.31
CA ARG A 33 -4.86 2.86 -0.02
C ARG A 33 -5.40 2.50 -1.40
N ASN A 34 -6.68 2.71 -1.60
CA ASN A 34 -7.32 2.40 -2.86
C ASN A 34 -6.80 3.30 -3.96
N PRO A 35 -6.49 2.70 -5.12
CA PRO A 35 -5.98 3.43 -6.29
C PRO A 35 -7.10 4.20 -7.00
N SER A 36 -8.06 4.67 -6.22
CA SER A 36 -9.17 5.41 -6.74
C SER A 36 -9.38 6.68 -5.91
N GLY A 37 -8.28 7.29 -5.52
CA GLY A 37 -8.34 8.50 -4.72
C GLY A 37 -7.08 8.68 -3.90
N ALA A 1 -12.75 -0.18 -3.95
CA ALA A 1 -11.75 -1.17 -3.47
C ALA A 1 -11.53 -1.03 -1.98
N SER A 2 -11.80 -2.10 -1.24
CA SER A 2 -11.62 -2.10 0.21
C SER A 2 -10.16 -2.31 0.57
N CYS A 3 -9.42 -1.22 0.66
CA CYS A 3 -8.02 -1.27 0.98
C CYS A 3 -7.66 -0.23 2.03
N ASN A 4 -6.91 -0.66 3.04
CA ASN A 4 -6.49 0.22 4.12
C ASN A 4 -5.54 -0.52 5.05
N GLY A 5 -4.66 0.22 5.70
CA GLY A 5 -3.70 -0.37 6.60
C GLY A 5 -2.32 0.16 6.36
N VAL A 6 -1.31 -0.61 6.74
CA VAL A 6 0.07 -0.21 6.55
C VAL A 6 0.79 -1.19 5.63
N CYS A 7 1.68 -0.68 4.80
CA CYS A 7 2.44 -1.50 3.88
C CYS A 7 3.89 -1.01 3.82
N SER A 8 4.57 -1.28 2.72
CA SER A 8 5.95 -0.86 2.55
C SER A 8 6.29 -0.69 1.08
N PRO A 9 7.10 0.34 0.74
CA PRO A 9 7.50 0.64 -0.63
C PRO A 9 8.39 -0.45 -1.24
N PHE A 10 8.99 -1.26 -0.37
CA PHE A 10 9.88 -2.32 -0.81
C PHE A 10 9.10 -3.61 -1.08
N GLU A 11 8.08 -3.84 -0.27
CA GLU A 11 7.26 -5.03 -0.39
C GLU A 11 6.50 -5.05 -1.71
N MET A 12 6.54 -6.19 -2.39
CA MET A 12 5.86 -6.35 -3.67
C MET A 12 5.26 -7.75 -3.78
N PRO A 13 3.93 -7.86 -3.96
CA PRO A 13 3.02 -6.72 -4.05
C PRO A 13 2.85 -6.05 -2.69
N PRO A 14 2.86 -4.71 -2.65
CA PRO A 14 2.70 -3.97 -1.41
C PRO A 14 1.31 -4.16 -0.83
N CYS A 15 1.25 -4.39 0.48
CA CYS A 15 0.01 -4.61 1.21
C CYS A 15 -0.49 -6.04 0.99
N GLY A 16 -0.35 -6.53 -0.23
CA GLY A 16 -0.78 -7.89 -0.53
C GLY A 16 -1.34 -8.02 -1.93
N THR A 17 -2.36 -7.24 -2.23
CA THR A 17 -2.99 -7.28 -3.53
C THR A 17 -2.42 -6.20 -4.45
N SER A 18 -2.17 -6.57 -5.71
CA SER A 18 -1.63 -5.65 -6.70
C SER A 18 -2.72 -4.69 -7.17
N ALA A 19 -3.97 -5.03 -6.87
CA ALA A 19 -5.11 -4.21 -7.25
C ALA A 19 -5.11 -2.89 -6.48
N CYS A 20 -4.48 -2.91 -5.32
CA CYS A 20 -4.40 -1.73 -4.49
C CYS A 20 -3.05 -1.04 -4.70
N ARG A 21 -2.78 0.01 -3.95
CA ARG A 21 -1.51 0.71 -4.07
C ARG A 21 -1.02 1.12 -2.69
N CYS A 22 0.29 1.13 -2.53
CA CYS A 22 0.89 1.49 -1.27
C CYS A 22 1.41 2.91 -1.31
N ILE A 23 1.02 3.71 -0.33
CA ILE A 23 1.47 5.09 -0.26
C ILE A 23 2.71 5.15 0.63
N PRO A 24 3.88 5.44 0.05
CA PRO A 24 5.15 5.50 0.77
C PRO A 24 5.30 6.75 1.63
N VAL A 25 4.51 6.84 2.69
CA VAL A 25 4.56 7.98 3.61
C VAL A 25 5.65 7.74 4.67
N GLY A 26 6.73 7.11 4.23
CA GLY A 26 7.83 6.81 5.10
C GLY A 26 8.97 6.23 4.31
N LEU A 27 10.14 6.15 4.92
CA LEU A 27 11.32 5.62 4.24
C LEU A 27 11.13 4.17 3.83
N VAL A 28 10.70 3.33 4.77
CA VAL A 28 10.48 1.92 4.47
C VAL A 28 9.09 1.48 4.93
N ILE A 29 8.20 2.44 5.10
CA ILE A 29 6.83 2.15 5.52
C ILE A 29 5.85 3.08 4.81
N GLY A 30 4.62 2.62 4.69
CA GLY A 30 3.59 3.40 4.06
C GLY A 30 2.22 2.94 4.51
N TYR A 31 1.18 3.25 3.74
CA TYR A 31 -0.16 2.81 4.11
C TYR A 31 -0.93 2.39 2.88
N CYS A 32 -1.76 1.38 3.04
CA CYS A 32 -2.55 0.84 1.94
C CYS A 32 -3.68 1.80 1.57
N ARG A 33 -3.74 2.15 0.30
CA ARG A 33 -4.79 3.03 -0.19
C ARG A 33 -5.25 2.55 -1.56
N ASN A 34 -6.55 2.58 -1.78
CA ASN A 34 -7.10 2.17 -3.05
C ASN A 34 -6.76 3.19 -4.13
N PRO A 35 -6.42 2.73 -5.35
CA PRO A 35 -6.06 3.62 -6.46
C PRO A 35 -7.21 4.48 -6.97
N SER A 36 -8.21 4.69 -6.11
CA SER A 36 -9.36 5.51 -6.45
C SER A 36 -9.11 6.96 -6.06
N GLY A 37 -8.09 7.17 -5.26
CA GLY A 37 -7.74 8.50 -4.81
C GLY A 37 -6.29 8.60 -4.40
N ALA A 1 -12.51 -1.62 -1.54
CA ALA A 1 -11.57 -2.76 -1.60
C ALA A 1 -10.75 -2.82 -0.32
N SER A 2 -10.43 -4.03 0.12
CA SER A 2 -9.65 -4.24 1.33
C SER A 2 -8.21 -3.76 1.13
N CYS A 3 -8.04 -2.45 1.12
CA CYS A 3 -6.74 -1.84 0.95
C CYS A 3 -6.60 -0.65 1.87
N ASN A 4 -6.58 -0.94 3.16
CA ASN A 4 -6.45 0.09 4.17
C ASN A 4 -5.62 -0.43 5.32
N GLY A 5 -4.44 0.12 5.46
CA GLY A 5 -3.53 -0.28 6.50
C GLY A 5 -2.14 0.21 6.22
N VAL A 6 -1.15 -0.50 6.70
CA VAL A 6 0.23 -0.13 6.49
C VAL A 6 0.94 -1.14 5.60
N CYS A 7 1.86 -0.65 4.79
CA CYS A 7 2.62 -1.48 3.87
C CYS A 7 3.99 -0.87 3.64
N SER A 8 5.02 -1.69 3.60
CA SER A 8 6.35 -1.19 3.33
C SER A 8 6.53 -1.09 1.82
N PRO A 9 7.14 0.00 1.32
CA PRO A 9 7.34 0.19 -0.13
C PRO A 9 8.26 -0.88 -0.73
N PHE A 10 8.83 -1.71 0.14
CA PHE A 10 9.71 -2.78 -0.29
C PHE A 10 8.90 -4.03 -0.57
N GLU A 11 7.71 -4.09 0.00
CA GLU A 11 6.81 -5.23 -0.17
C GLU A 11 6.10 -5.16 -1.50
N MET A 12 6.14 -6.26 -2.25
CA MET A 12 5.48 -6.33 -3.54
C MET A 12 4.86 -7.71 -3.74
N PRO A 13 3.54 -7.78 -3.98
CA PRO A 13 2.68 -6.61 -4.07
C PRO A 13 2.29 -6.06 -2.70
N PRO A 14 2.17 -4.73 -2.56
CA PRO A 14 1.80 -4.09 -1.30
C PRO A 14 0.41 -4.51 -0.85
N CYS A 15 0.28 -4.87 0.43
CA CYS A 15 -1.00 -5.32 1.00
C CYS A 15 -1.49 -6.60 0.29
N GLY A 16 -0.59 -7.23 -0.47
CA GLY A 16 -0.92 -8.43 -1.20
C GLY A 16 -2.14 -8.28 -2.09
N THR A 17 -2.32 -7.08 -2.64
CA THR A 17 -3.47 -6.81 -3.49
C THR A 17 -3.04 -6.51 -4.93
N SER A 18 -1.95 -5.75 -5.09
CA SER A 18 -1.43 -5.34 -6.39
C SER A 18 -2.32 -4.29 -7.06
N ALA A 19 -3.62 -4.48 -6.96
CA ALA A 19 -4.59 -3.56 -7.54
C ALA A 19 -4.52 -2.19 -6.87
N CYS A 20 -4.23 -2.20 -5.57
CA CYS A 20 -4.12 -0.97 -4.81
C CYS A 20 -2.66 -0.59 -4.67
N ARG A 21 -2.40 0.71 -4.55
CA ARG A 21 -1.05 1.20 -4.43
C ARG A 21 -0.68 1.49 -2.99
N CYS A 22 0.60 1.41 -2.70
CA CYS A 22 1.13 1.67 -1.38
C CYS A 22 1.70 3.08 -1.36
N ILE A 23 1.25 3.89 -0.42
CA ILE A 23 1.74 5.26 -0.32
C ILE A 23 2.98 5.33 0.56
N PRO A 24 4.14 5.62 -0.04
CA PRO A 24 5.41 5.70 0.68
C PRO A 24 5.54 6.98 1.52
N VAL A 25 4.67 7.11 2.50
CA VAL A 25 4.69 8.27 3.39
C VAL A 25 5.97 8.29 4.23
N GLY A 26 6.47 7.10 4.53
CA GLY A 26 7.70 6.97 5.28
C GLY A 26 8.80 6.42 4.39
N LEU A 27 10.04 6.46 4.86
CA LEU A 27 11.17 5.97 4.08
C LEU A 27 11.08 4.47 3.82
N VAL A 28 10.78 3.69 4.85
CA VAL A 28 10.66 2.25 4.71
C VAL A 28 9.30 1.76 5.17
N ILE A 29 8.35 2.68 5.21
CA ILE A 29 7.00 2.36 5.62
C ILE A 29 6.00 3.28 4.92
N GLY A 30 4.83 2.75 4.65
CA GLY A 30 3.80 3.52 3.99
C GLY A 30 2.44 3.01 4.39
N TYR A 31 1.44 3.31 3.61
CA TYR A 31 0.10 2.84 3.92
C TYR A 31 -0.62 2.41 2.65
N CYS A 32 -1.40 1.35 2.76
CA CYS A 32 -2.14 0.84 1.62
C CYS A 32 -3.24 1.82 1.22
N ARG A 33 -3.32 2.13 -0.06
CA ARG A 33 -4.30 3.07 -0.56
C ARG A 33 -4.90 2.61 -1.87
N ASN A 34 -6.20 2.35 -1.85
CA ASN A 34 -6.90 1.92 -3.05
C ASN A 34 -7.00 3.08 -4.02
N PRO A 35 -6.75 2.83 -5.30
CA PRO A 35 -6.80 3.85 -6.33
C PRO A 35 -8.24 4.12 -6.79
N SER A 36 -9.16 4.08 -5.84
CA SER A 36 -10.57 4.31 -6.14
C SER A 36 -10.89 5.79 -6.05
N GLY A 37 -10.13 6.51 -5.25
CA GLY A 37 -10.34 7.92 -5.09
C GLY A 37 -9.27 8.56 -4.23
N ALA A 1 -7.70 -8.47 0.31
CA ALA A 1 -7.02 -7.72 1.38
C ALA A 1 -7.54 -6.28 1.42
N SER A 2 -7.85 -5.82 2.62
CA SER A 2 -8.36 -4.46 2.80
C SER A 2 -7.33 -3.43 2.35
N CYS A 3 -7.74 -2.56 1.46
CA CYS A 3 -6.87 -1.52 0.93
C CYS A 3 -6.86 -0.32 1.87
N ASN A 4 -6.44 -0.59 3.09
CA ASN A 4 -6.35 0.42 4.13
C ASN A 4 -5.51 -0.13 5.27
N GLY A 5 -4.53 0.64 5.70
CA GLY A 5 -3.66 0.20 6.76
C GLY A 5 -2.24 0.61 6.48
N VAL A 6 -1.29 -0.27 6.76
CA VAL A 6 0.11 0.03 6.52
C VAL A 6 0.73 -0.97 5.55
N CYS A 7 1.66 -0.49 4.73
CA CYS A 7 2.35 -1.32 3.77
C CYS A 7 3.76 -0.81 3.57
N SER A 8 4.71 -1.71 3.43
CA SER A 8 6.08 -1.35 3.24
C SER A 8 6.42 -1.36 1.75
N PRO A 9 7.26 -0.42 1.27
CA PRO A 9 7.65 -0.33 -0.14
C PRO A 9 8.47 -1.54 -0.60
N PHE A 10 8.74 -2.44 0.33
CA PHE A 10 9.50 -3.65 0.02
C PHE A 10 8.57 -4.75 -0.45
N GLU A 11 7.34 -4.72 0.03
CA GLU A 11 6.34 -5.72 -0.34
C GLU A 11 6.05 -5.65 -1.84
N MET A 12 5.97 -6.81 -2.47
CA MET A 12 5.69 -6.89 -3.90
C MET A 12 4.79 -8.08 -4.19
N PRO A 13 3.49 -7.83 -4.45
CA PRO A 13 2.92 -6.49 -4.48
C PRO A 13 2.69 -5.92 -3.07
N PRO A 14 2.88 -4.60 -2.90
CA PRO A 14 2.71 -3.94 -1.61
C PRO A 14 1.28 -4.09 -1.06
N CYS A 15 1.20 -4.31 0.26
CA CYS A 15 -0.08 -4.49 0.96
C CYS A 15 -0.73 -5.81 0.55
N GLY A 16 0.00 -6.61 -0.22
CA GLY A 16 -0.51 -7.89 -0.66
C GLY A 16 -1.60 -7.78 -1.70
N THR A 17 -1.42 -6.87 -2.65
CA THR A 17 -2.40 -6.68 -3.71
C THR A 17 -1.84 -5.76 -4.79
N SER A 18 -2.23 -6.03 -6.03
CA SER A 18 -1.79 -5.23 -7.16
C SER A 18 -2.90 -4.26 -7.57
N ALA A 19 -4.09 -4.52 -7.05
CA ALA A 19 -5.26 -3.68 -7.33
C ALA A 19 -5.15 -2.33 -6.63
N CYS A 20 -4.46 -2.34 -5.49
CA CYS A 20 -4.30 -1.13 -4.71
C CYS A 20 -2.83 -0.75 -4.61
N ARG A 21 -2.58 0.54 -4.47
CA ARG A 21 -1.22 1.06 -4.39
C ARG A 21 -0.80 1.34 -2.95
N CYS A 22 0.49 1.37 -2.73
CA CYS A 22 1.04 1.64 -1.42
C CYS A 22 1.59 3.06 -1.39
N ILE A 23 1.17 3.83 -0.39
CA ILE A 23 1.63 5.21 -0.27
C ILE A 23 2.81 5.28 0.68
N PRO A 24 4.02 5.51 0.15
CA PRO A 24 5.26 5.57 0.94
C PRO A 24 5.41 6.84 1.77
N VAL A 25 4.56 7.00 2.78
CA VAL A 25 4.62 8.15 3.66
C VAL A 25 5.69 7.94 4.74
N GLY A 26 6.73 7.24 4.36
CA GLY A 26 7.83 6.95 5.26
C GLY A 26 9.02 6.42 4.49
N LEU A 27 10.18 6.43 5.11
CA LEU A 27 11.40 5.97 4.48
C LEU A 27 11.30 4.51 4.06
N VAL A 28 10.80 3.66 4.96
CA VAL A 28 10.66 2.25 4.67
C VAL A 28 9.28 1.74 5.09
N ILE A 29 8.32 2.65 5.14
CA ILE A 29 6.96 2.32 5.52
C ILE A 29 5.97 3.27 4.85
N GLY A 30 4.73 2.84 4.73
CA GLY A 30 3.71 3.65 4.12
C GLY A 30 2.34 3.18 4.53
N TYR A 31 1.32 3.47 3.73
CA TYR A 31 -0.01 3.04 4.04
C TYR A 31 -0.75 2.58 2.80
N CYS A 32 -1.60 1.58 2.96
CA CYS A 32 -2.36 1.03 1.85
C CYS A 32 -3.38 2.05 1.36
N ARG A 33 -3.44 2.24 0.04
CA ARG A 33 -4.36 3.20 -0.54
C ARG A 33 -4.98 2.67 -1.82
N ASN A 34 -6.30 2.70 -1.88
CA ASN A 34 -7.01 2.23 -3.06
C ASN A 34 -7.10 3.34 -4.10
N PRO A 35 -6.87 3.01 -5.37
CA PRO A 35 -6.92 3.98 -6.46
C PRO A 35 -8.33 4.52 -6.65
N SER A 36 -9.32 3.67 -6.45
CA SER A 36 -10.71 4.06 -6.61
C SER A 36 -11.61 3.23 -5.69
N GLY A 37 -11.24 3.14 -4.43
CA GLY A 37 -12.00 2.36 -3.48
C GLY A 37 -13.21 3.11 -2.95
N ALA A 1 -12.58 -0.82 -4.22
CA ALA A 1 -11.54 -1.72 -3.70
C ALA A 1 -11.33 -1.51 -2.21
N SER A 2 -11.38 -2.59 -1.45
CA SER A 2 -11.17 -2.51 -0.03
C SER A 2 -9.67 -2.42 0.24
N CYS A 3 -9.22 -1.22 0.58
CA CYS A 3 -7.81 -0.99 0.84
C CYS A 3 -7.63 -0.01 1.99
N ASN A 4 -6.87 -0.42 2.99
CA ASN A 4 -6.60 0.42 4.15
C ASN A 4 -5.69 -0.32 5.13
N GLY A 5 -4.51 0.23 5.36
CA GLY A 5 -3.56 -0.37 6.27
C GLY A 5 -2.18 0.19 6.06
N VAL A 6 -1.17 -0.57 6.45
CA VAL A 6 0.22 -0.15 6.29
C VAL A 6 0.96 -1.07 5.33
N CYS A 7 1.87 -0.51 4.56
CA CYS A 7 2.62 -1.28 3.60
C CYS A 7 4.05 -0.79 3.47
N SER A 8 4.98 -1.73 3.46
CA SER A 8 6.37 -1.42 3.31
C SER A 8 6.68 -1.41 1.81
N PRO A 9 7.41 -0.39 1.32
CA PRO A 9 7.74 -0.26 -0.12
C PRO A 9 8.64 -1.39 -0.64
N PHE A 10 9.07 -2.26 0.25
CA PHE A 10 9.93 -3.37 -0.13
C PHE A 10 9.09 -4.55 -0.59
N GLU A 11 7.97 -4.77 0.09
CA GLU A 11 7.07 -5.86 -0.25
C GLU A 11 6.25 -5.49 -1.48
N MET A 12 6.29 -6.35 -2.49
CA MET A 12 5.56 -6.11 -3.73
C MET A 12 4.95 -7.41 -4.23
N PRO A 13 3.66 -7.41 -4.58
CA PRO A 13 2.80 -6.22 -4.47
C PRO A 13 2.49 -5.86 -3.02
N PRO A 14 2.50 -4.55 -2.71
CA PRO A 14 2.24 -4.06 -1.35
C PRO A 14 0.92 -4.56 -0.79
N CYS A 15 0.96 -5.02 0.46
CA CYS A 15 -0.21 -5.57 1.15
C CYS A 15 -0.75 -6.81 0.43
N GLY A 16 0.12 -7.45 -0.35
CA GLY A 16 -0.25 -8.65 -1.06
C GLY A 16 -1.43 -8.42 -2.00
N THR A 17 -1.38 -7.35 -2.78
CA THR A 17 -2.46 -7.05 -3.70
C THR A 17 -2.01 -6.06 -4.77
N SER A 18 -2.50 -6.25 -5.99
CA SER A 18 -2.16 -5.39 -7.10
C SER A 18 -3.24 -4.31 -7.25
N ALA A 19 -4.37 -4.53 -6.59
CA ALA A 19 -5.49 -3.61 -6.65
C ALA A 19 -5.26 -2.36 -5.82
N CYS A 20 -4.61 -2.53 -4.68
CA CYS A 20 -4.35 -1.41 -3.78
C CYS A 20 -2.93 -0.90 -3.96
N ARG A 21 -2.77 0.42 -3.93
CA ARG A 21 -1.46 1.04 -4.08
C ARG A 21 -0.88 1.41 -2.72
N CYS A 22 0.44 1.42 -2.63
CA CYS A 22 1.11 1.76 -1.39
C CYS A 22 1.56 3.22 -1.42
N ILE A 23 1.18 3.96 -0.39
CA ILE A 23 1.57 5.36 -0.28
C ILE A 23 2.79 5.46 0.61
N PRO A 24 3.96 5.77 0.02
CA PRO A 24 5.23 5.87 0.75
C PRO A 24 5.35 7.09 1.66
N VAL A 25 4.54 7.12 2.71
CA VAL A 25 4.57 8.21 3.68
C VAL A 25 5.64 7.96 4.75
N GLY A 26 6.74 7.37 4.31
CA GLY A 26 7.84 7.04 5.18
C GLY A 26 9.01 6.51 4.39
N LEU A 27 10.20 6.52 4.97
CA LEU A 27 11.38 6.04 4.27
C LEU A 27 11.27 4.55 3.95
N VAL A 28 10.80 3.77 4.92
CA VAL A 28 10.66 2.34 4.71
C VAL A 28 9.28 1.86 5.13
N ILE A 29 8.33 2.77 5.18
CA ILE A 29 6.96 2.43 5.56
C ILE A 29 5.95 3.37 4.90
N GLY A 30 4.77 2.85 4.61
CA GLY A 30 3.73 3.63 4.01
C GLY A 30 2.36 3.08 4.38
N TYR A 31 1.34 3.42 3.62
CA TYR A 31 0.01 2.91 3.90
C TYR A 31 -0.72 2.53 2.62
N CYS A 32 -1.44 1.43 2.67
CA CYS A 32 -2.17 0.98 1.49
C CYS A 32 -3.48 1.74 1.34
N ARG A 33 -3.72 2.24 0.14
CA ARG A 33 -4.91 3.01 -0.16
C ARG A 33 -5.42 2.63 -1.55
N ASN A 34 -6.73 2.64 -1.73
CA ASN A 34 -7.32 2.30 -3.02
C ASN A 34 -7.13 3.42 -4.03
N PRO A 35 -6.56 3.08 -5.19
CA PRO A 35 -6.30 4.04 -6.27
C PRO A 35 -7.59 4.65 -6.80
N SER A 36 -8.64 3.84 -6.84
CA SER A 36 -9.92 4.29 -7.33
C SER A 36 -10.79 4.78 -6.17
N GLY A 37 -11.20 3.85 -5.35
CA GLY A 37 -12.02 4.17 -4.21
C GLY A 37 -12.54 2.92 -3.52
N ALA A 1 -13.72 -5.23 -1.02
CA ALA A 1 -12.44 -4.50 -1.05
C ALA A 1 -12.34 -3.54 0.12
N SER A 2 -11.16 -3.48 0.73
CA SER A 2 -10.92 -2.61 1.86
C SER A 2 -9.43 -2.36 2.00
N CYS A 3 -8.85 -1.81 0.94
CA CYS A 3 -7.42 -1.53 0.91
C CYS A 3 -7.09 -0.33 1.77
N ASN A 4 -6.76 -0.61 3.03
CA ASN A 4 -6.40 0.42 3.99
C ASN A 4 -5.61 -0.22 5.12
N GLY A 5 -4.43 0.30 5.36
CA GLY A 5 -3.58 -0.21 6.41
C GLY A 5 -2.15 0.20 6.21
N VAL A 6 -1.21 -0.66 6.54
CA VAL A 6 0.19 -0.34 6.38
C VAL A 6 0.85 -1.27 5.36
N CYS A 7 1.82 -0.74 4.65
CA CYS A 7 2.57 -1.50 3.65
C CYS A 7 4.05 -1.13 3.73
N SER A 8 4.84 -1.75 2.88
CA SER A 8 6.26 -1.46 2.81
C SER A 8 6.62 -1.20 1.34
N PRO A 9 7.36 -0.11 1.06
CA PRO A 9 7.74 0.27 -0.30
C PRO A 9 8.56 -0.80 -1.03
N PHE A 10 9.13 -1.71 -0.27
CA PHE A 10 9.93 -2.78 -0.84
C PHE A 10 9.05 -3.97 -1.17
N GLU A 11 7.98 -4.12 -0.40
CA GLU A 11 7.02 -5.20 -0.60
C GLU A 11 6.20 -4.97 -1.86
N MET A 12 6.10 -6.00 -2.69
CA MET A 12 5.31 -5.90 -3.91
C MET A 12 4.61 -7.23 -4.18
N PRO A 13 3.27 -7.27 -4.09
CA PRO A 13 2.44 -6.10 -3.75
C PRO A 13 2.68 -5.62 -2.32
N PRO A 14 2.62 -4.31 -2.09
CA PRO A 14 2.87 -3.70 -0.77
C PRO A 14 2.04 -4.35 0.35
N CYS A 15 0.77 -3.95 0.47
CA CYS A 15 -0.12 -4.48 1.49
C CYS A 15 -0.42 -5.95 1.23
N GLY A 16 -0.83 -6.27 0.01
CA GLY A 16 -1.15 -7.65 -0.33
C GLY A 16 -1.66 -7.77 -1.74
N THR A 17 -2.63 -6.94 -2.09
CA THR A 17 -3.21 -6.97 -3.43
C THR A 17 -2.46 -6.00 -4.35
N SER A 18 -2.22 -6.44 -5.58
CA SER A 18 -1.54 -5.62 -6.56
C SER A 18 -2.52 -4.61 -7.16
N ALA A 19 -3.81 -4.90 -7.01
CA ALA A 19 -4.87 -4.04 -7.52
C ALA A 19 -4.87 -2.69 -6.80
N CYS A 20 -4.37 -2.69 -5.58
CA CYS A 20 -4.31 -1.48 -4.78
C CYS A 20 -2.87 -0.99 -4.68
N ARG A 21 -2.71 0.32 -4.53
CA ARG A 21 -1.38 0.90 -4.42
C ARG A 21 -1.07 1.19 -2.96
N CYS A 22 0.04 1.85 -2.72
CA CYS A 22 0.43 2.18 -1.38
C CYS A 22 1.10 3.54 -1.35
N ILE A 23 0.82 4.29 -0.29
CA ILE A 23 1.39 5.61 -0.11
C ILE A 23 2.65 5.51 0.74
N PRO A 24 3.82 5.79 0.14
CA PRO A 24 5.11 5.71 0.83
C PRO A 24 5.36 6.89 1.78
N VAL A 25 4.53 6.98 2.80
CA VAL A 25 4.66 8.05 3.81
C VAL A 25 5.74 7.68 4.84
N GLY A 26 6.79 7.04 4.38
CA GLY A 26 7.86 6.62 5.24
C GLY A 26 9.00 6.01 4.44
N LEU A 27 10.19 6.05 5.00
CA LEU A 27 11.37 5.52 4.32
C LEU A 27 11.21 4.04 3.98
N VAL A 28 10.73 3.25 4.95
CA VAL A 28 10.54 1.83 4.72
C VAL A 28 9.15 1.39 5.18
N ILE A 29 8.23 2.33 5.25
CA ILE A 29 6.87 2.04 5.66
C ILE A 29 5.89 3.04 5.02
N GLY A 30 4.73 2.54 4.64
CA GLY A 30 3.72 3.38 4.03
C GLY A 30 2.35 2.86 4.38
N TYR A 31 1.31 3.37 3.74
CA TYR A 31 -0.01 2.88 4.04
C TYR A 31 -0.74 2.47 2.77
N CYS A 32 -1.38 1.32 2.81
CA CYS A 32 -2.10 0.79 1.66
C CYS A 32 -3.28 1.69 1.32
N ARG A 33 -3.38 2.04 0.04
CA ARG A 33 -4.45 2.90 -0.42
C ARG A 33 -4.97 2.44 -1.78
N ASN A 34 -6.28 2.31 -1.89
CA ASN A 34 -6.90 1.89 -3.14
C ASN A 34 -6.81 3.04 -4.16
N PRO A 35 -6.51 2.72 -5.42
CA PRO A 35 -6.37 3.72 -6.49
C PRO A 35 -7.72 4.22 -7.01
N SER A 36 -8.80 3.70 -6.46
CA SER A 36 -10.14 4.08 -6.89
C SER A 36 -10.66 5.29 -6.13
N GLY A 37 -10.34 5.32 -4.85
CA GLY A 37 -10.78 6.42 -4.00
C GLY A 37 -12.26 6.34 -3.68
N ALA A 1 -11.91 -3.52 -3.72
CA ALA A 1 -10.49 -3.17 -3.50
C ALA A 1 -10.35 -2.09 -2.43
N SER A 2 -11.04 -2.29 -1.31
CA SER A 2 -11.01 -1.35 -0.20
C SER A 2 -9.70 -1.50 0.60
N CYS A 3 -8.59 -1.34 -0.10
CA CYS A 3 -7.27 -1.47 0.48
C CYS A 3 -6.97 -0.33 1.46
N ASN A 4 -6.65 -0.70 2.70
CA ASN A 4 -6.34 0.29 3.73
C ASN A 4 -5.53 -0.36 4.85
N GLY A 5 -4.47 0.30 5.26
CA GLY A 5 -3.62 -0.21 6.32
C GLY A 5 -2.21 0.30 6.17
N VAL A 6 -1.22 -0.52 6.49
CA VAL A 6 0.17 -0.15 6.36
C VAL A 6 0.87 -1.09 5.39
N CYS A 7 1.78 -0.54 4.58
CA CYS A 7 2.49 -1.34 3.60
C CYS A 7 3.90 -0.81 3.37
N SER A 8 4.85 -1.71 3.20
CA SER A 8 6.21 -1.33 2.97
C SER A 8 6.43 -1.12 1.47
N PRO A 9 7.01 0.02 1.07
CA PRO A 9 7.26 0.35 -0.35
C PRO A 9 8.17 -0.65 -1.06
N PHE A 10 8.98 -1.36 -0.28
CA PHE A 10 9.90 -2.32 -0.84
C PHE A 10 9.25 -3.69 -0.98
N GLU A 11 8.15 -3.89 -0.25
CA GLU A 11 7.42 -5.14 -0.32
C GLU A 11 6.55 -5.19 -1.57
N MET A 12 6.62 -6.31 -2.28
CA MET A 12 5.84 -6.47 -3.51
C MET A 12 5.30 -7.89 -3.60
N PRO A 13 3.98 -8.04 -3.85
CA PRO A 13 3.06 -6.90 -4.01
C PRO A 13 2.68 -6.29 -2.67
N PRO A 14 2.64 -4.95 -2.59
CA PRO A 14 2.29 -4.27 -1.35
C PRO A 14 0.84 -4.52 -0.96
N CYS A 15 0.63 -4.69 0.35
CA CYS A 15 -0.68 -4.96 0.92
C CYS A 15 -1.25 -6.31 0.47
N GLY A 16 -0.40 -7.12 -0.15
CA GLY A 16 -0.82 -8.43 -0.61
C GLY A 16 -2.04 -8.37 -1.51
N THR A 17 -2.06 -7.39 -2.41
CA THR A 17 -3.20 -7.23 -3.30
C THR A 17 -2.77 -6.77 -4.69
N SER A 18 -1.78 -5.86 -4.75
CA SER A 18 -1.26 -5.33 -6.02
C SER A 18 -2.27 -4.38 -6.69
N ALA A 19 -3.54 -4.72 -6.62
CA ALA A 19 -4.62 -3.92 -7.21
C ALA A 19 -4.69 -2.53 -6.56
N CYS A 20 -4.29 -2.47 -5.30
CA CYS A 20 -4.31 -1.21 -4.57
C CYS A 20 -2.92 -0.58 -4.58
N ARG A 21 -2.86 0.73 -4.39
CA ARG A 21 -1.58 1.43 -4.41
C ARG A 21 -1.08 1.70 -2.99
N CYS A 22 0.20 1.41 -2.78
CA CYS A 22 0.82 1.63 -1.50
C CYS A 22 1.41 3.03 -1.45
N ILE A 23 1.13 3.76 -0.39
CA ILE A 23 1.64 5.12 -0.25
C ILE A 23 2.89 5.16 0.62
N PRO A 24 4.06 5.41 0.02
CA PRO A 24 5.34 5.47 0.74
C PRO A 24 5.51 6.76 1.55
N VAL A 25 4.68 6.93 2.56
CA VAL A 25 4.76 8.12 3.42
C VAL A 25 6.02 8.09 4.27
N GLY A 26 6.44 6.89 4.65
CA GLY A 26 7.64 6.72 5.45
C GLY A 26 8.82 6.33 4.59
N LEU A 27 9.98 6.14 5.21
CA LEU A 27 11.19 5.77 4.48
C LEU A 27 11.06 4.37 3.88
N VAL A 28 10.70 3.41 4.71
CA VAL A 28 10.53 2.04 4.25
C VAL A 28 9.20 1.49 4.77
N ILE A 29 8.26 2.40 4.95
CA ILE A 29 6.93 2.07 5.42
C ILE A 29 5.94 3.09 4.86
N GLY A 30 4.70 2.69 4.75
CA GLY A 30 3.67 3.56 4.22
C GLY A 30 2.30 3.08 4.61
N TYR A 31 1.30 3.41 3.81
CA TYR A 31 -0.04 2.97 4.11
C TYR A 31 -0.78 2.55 2.85
N CYS A 32 -1.60 1.52 2.99
CA CYS A 32 -2.38 0.98 1.88
C CYS A 32 -3.54 1.90 1.52
N ARG A 33 -3.69 2.18 0.24
CA ARG A 33 -4.76 3.04 -0.22
C ARG A 33 -5.31 2.56 -1.55
N ASN A 34 -6.63 2.52 -1.66
CA ASN A 34 -7.27 2.10 -2.90
C ASN A 34 -7.08 3.17 -3.97
N PRO A 35 -6.83 2.75 -5.22
CA PRO A 35 -6.59 3.67 -6.34
C PRO A 35 -7.80 4.57 -6.64
N SER A 36 -8.94 4.24 -6.06
CA SER A 36 -10.15 5.01 -6.28
C SER A 36 -10.28 6.14 -5.25
N GLY A 37 -9.20 6.41 -4.54
CA GLY A 37 -9.21 7.45 -3.53
C GLY A 37 -7.88 7.55 -2.82
N ALA A 1 -10.56 -8.13 1.73
CA ALA A 1 -10.01 -7.18 2.72
C ALA A 1 -9.94 -5.78 2.14
N SER A 2 -10.49 -4.82 2.87
CA SER A 2 -10.49 -3.43 2.43
C SER A 2 -9.07 -2.91 2.32
N CYS A 3 -8.82 -2.05 1.35
CA CYS A 3 -7.48 -1.49 1.14
C CYS A 3 -7.16 -0.41 2.15
N ASN A 4 -6.98 -0.83 3.40
CA ASN A 4 -6.64 0.05 4.50
C ASN A 4 -5.66 -0.68 5.40
N GLY A 5 -4.47 -0.13 5.51
CA GLY A 5 -3.44 -0.76 6.32
C GLY A 5 -2.08 -0.26 5.93
N VAL A 6 -1.08 -0.61 6.70
CA VAL A 6 0.28 -0.19 6.45
C VAL A 6 1.00 -1.18 5.53
N CYS A 7 1.88 -0.65 4.69
CA CYS A 7 2.65 -1.46 3.76
C CYS A 7 4.03 -0.89 3.53
N SER A 8 5.02 -1.74 3.41
CA SER A 8 6.36 -1.29 3.13
C SER A 8 6.49 -1.08 1.63
N PRO A 9 7.09 0.03 1.20
CA PRO A 9 7.26 0.34 -0.22
C PRO A 9 8.15 -0.67 -0.93
N PHE A 10 8.89 -1.44 -0.13
CA PHE A 10 9.79 -2.45 -0.65
C PHE A 10 9.05 -3.77 -0.80
N GLU A 11 8.10 -4.01 0.09
CA GLU A 11 7.31 -5.24 0.07
C GLU A 11 6.41 -5.27 -1.17
N MET A 12 6.48 -6.37 -1.90
CA MET A 12 5.67 -6.53 -3.10
C MET A 12 5.17 -7.97 -3.20
N PRO A 13 3.86 -8.15 -3.40
CA PRO A 13 2.90 -7.05 -3.53
C PRO A 13 2.49 -6.49 -2.16
N PRO A 14 2.33 -5.16 -2.07
CA PRO A 14 1.94 -4.51 -0.81
C PRO A 14 0.51 -4.91 -0.42
N CYS A 15 0.37 -5.39 0.81
CA CYS A 15 -0.92 -5.83 1.37
C CYS A 15 -1.53 -6.95 0.53
N GLY A 16 -0.69 -7.67 -0.20
CA GLY A 16 -1.16 -8.78 -1.01
C GLY A 16 -2.14 -8.36 -2.09
N THR A 17 -1.77 -7.35 -2.87
CA THR A 17 -2.63 -6.87 -3.94
C THR A 17 -1.89 -5.93 -4.88
N SER A 18 -2.25 -5.96 -6.14
CA SER A 18 -1.66 -5.11 -7.15
C SER A 18 -2.72 -4.14 -7.66
N ALA A 19 -3.93 -4.28 -7.12
CA ALA A 19 -5.05 -3.43 -7.49
C ALA A 19 -4.94 -2.11 -6.75
N CYS A 20 -4.58 -2.20 -5.47
CA CYS A 20 -4.41 -1.04 -4.64
C CYS A 20 -2.93 -0.68 -4.56
N ARG A 21 -2.62 0.61 -4.47
CA ARG A 21 -1.23 1.06 -4.42
C ARG A 21 -0.79 1.36 -3.00
N CYS A 22 0.50 1.18 -2.76
CA CYS A 22 1.09 1.46 -1.46
C CYS A 22 1.65 2.87 -1.47
N ILE A 23 1.21 3.69 -0.53
CA ILE A 23 1.66 5.06 -0.44
C ILE A 23 2.90 5.16 0.43
N PRO A 24 4.08 5.43 -0.17
CA PRO A 24 5.34 5.54 0.55
C PRO A 24 5.46 6.85 1.33
N VAL A 25 4.60 7.00 2.33
CA VAL A 25 4.59 8.20 3.17
C VAL A 25 5.86 8.31 3.99
N GLY A 26 6.31 7.19 4.54
CA GLY A 26 7.54 7.18 5.32
C GLY A 26 8.74 6.84 4.47
N LEU A 27 9.88 6.64 5.10
CA LEU A 27 11.10 6.31 4.37
C LEU A 27 11.07 4.86 3.90
N VAL A 28 10.73 3.96 4.81
CA VAL A 28 10.64 2.54 4.49
C VAL A 28 9.32 1.98 5.00
N ILE A 29 8.32 2.84 5.05
CA ILE A 29 7.00 2.47 5.50
C ILE A 29 5.95 3.33 4.81
N GLY A 30 4.78 2.78 4.59
CA GLY A 30 3.72 3.50 3.94
C GLY A 30 2.38 2.92 4.29
N TYR A 31 1.36 3.24 3.53
CA TYR A 31 0.04 2.72 3.79
C TYR A 31 -0.66 2.38 2.48
N CYS A 32 -1.33 1.24 2.46
CA CYS A 32 -2.04 0.79 1.27
C CYS A 32 -3.32 1.58 1.06
N ARG A 33 -3.49 2.10 -0.14
CA ARG A 33 -4.68 2.85 -0.47
C ARG A 33 -5.13 2.53 -1.88
N ASN A 34 -6.44 2.37 -2.05
CA ASN A 34 -7.00 2.07 -3.34
C ASN A 34 -6.86 3.27 -4.26
N PRO A 35 -6.62 3.05 -5.56
CA PRO A 35 -6.45 4.13 -6.54
C PRO A 35 -7.76 4.90 -6.79
N SER A 36 -8.60 4.97 -5.76
CA SER A 36 -9.86 5.68 -5.83
C SER A 36 -9.98 6.57 -4.59
N GLY A 37 -8.83 7.09 -4.16
CA GLY A 37 -8.80 7.95 -2.99
C GLY A 37 -7.38 8.30 -2.62
N ALA A 1 -9.92 -5.12 -2.36
CA ALA A 1 -11.23 -4.48 -2.09
C ALA A 1 -11.21 -3.74 -0.77
N SER A 2 -11.57 -2.46 -0.79
CA SER A 2 -11.57 -1.62 0.40
C SER A 2 -10.20 -1.65 1.07
N CYS A 3 -9.18 -1.50 0.24
CA CYS A 3 -7.80 -1.53 0.70
C CYS A 3 -7.48 -0.35 1.61
N ASN A 4 -6.85 -0.66 2.72
CA ASN A 4 -6.44 0.33 3.70
C ASN A 4 -5.57 -0.33 4.77
N GLY A 5 -4.48 0.31 5.12
CA GLY A 5 -3.58 -0.23 6.12
C GLY A 5 -2.18 0.28 5.94
N VAL A 6 -1.21 -0.47 6.43
CA VAL A 6 0.18 -0.09 6.33
C VAL A 6 0.96 -1.11 5.49
N CYS A 7 1.90 -0.61 4.70
CA CYS A 7 2.72 -1.45 3.84
C CYS A 7 4.08 -0.80 3.61
N SER A 8 5.12 -1.62 3.52
CA SER A 8 6.44 -1.09 3.23
C SER A 8 6.55 -0.93 1.72
N PRO A 9 7.04 0.21 1.24
CA PRO A 9 7.15 0.49 -0.21
C PRO A 9 8.07 -0.49 -0.94
N PHE A 10 8.79 -1.29 -0.16
CA PHE A 10 9.70 -2.27 -0.72
C PHE A 10 8.95 -3.58 -1.00
N GLU A 11 7.89 -3.82 -0.26
CA GLU A 11 7.09 -5.02 -0.42
C GLU A 11 6.27 -4.96 -1.70
N MET A 12 6.37 -6.00 -2.51
CA MET A 12 5.64 -6.07 -3.76
C MET A 12 5.12 -7.50 -3.98
N PRO A 13 3.81 -7.66 -4.17
CA PRO A 13 2.84 -6.56 -4.19
C PRO A 13 2.49 -6.06 -2.79
N PRO A 14 2.29 -4.74 -2.63
CA PRO A 14 1.94 -4.15 -1.33
C PRO A 14 0.61 -4.67 -0.80
N CYS A 15 0.61 -5.04 0.48
CA CYS A 15 -0.56 -5.58 1.17
C CYS A 15 -1.11 -6.86 0.51
N GLY A 16 -0.32 -7.46 -0.39
CA GLY A 16 -0.70 -8.69 -1.04
C GLY A 16 -2.04 -8.60 -1.77
N THR A 17 -2.20 -7.61 -2.62
CA THR A 17 -3.45 -7.45 -3.36
C THR A 17 -3.20 -6.98 -4.81
N SER A 18 -2.14 -6.19 -5.02
CA SER A 18 -1.77 -5.67 -6.34
C SER A 18 -2.75 -4.60 -6.85
N ALA A 19 -4.04 -4.82 -6.65
CA ALA A 19 -5.07 -3.90 -7.09
C ALA A 19 -5.00 -2.57 -6.34
N CYS A 20 -4.32 -2.62 -5.20
CA CYS A 20 -4.15 -1.44 -4.36
C CYS A 20 -2.81 -0.79 -4.62
N ARG A 21 -2.57 0.35 -3.98
CA ARG A 21 -1.33 1.06 -4.11
C ARG A 21 -0.80 1.43 -2.74
N CYS A 22 0.51 1.43 -2.60
CA CYS A 22 1.15 1.74 -1.33
C CYS A 22 1.76 3.13 -1.37
N ILE A 23 1.32 3.97 -0.44
CA ILE A 23 1.83 5.33 -0.34
C ILE A 23 3.04 5.35 0.58
N PRO A 24 4.23 5.67 0.05
CA PRO A 24 5.47 5.71 0.81
C PRO A 24 5.60 6.94 1.72
N VAL A 25 4.73 7.03 2.71
CA VAL A 25 4.78 8.13 3.67
C VAL A 25 5.82 7.86 4.76
N GLY A 26 6.92 7.26 4.34
CA GLY A 26 7.99 6.92 5.25
C GLY A 26 9.18 6.39 4.49
N LEU A 27 10.31 6.27 5.17
CA LEU A 27 11.52 5.77 4.55
C LEU A 27 11.36 4.32 4.12
N VAL A 28 10.85 3.49 5.02
CA VAL A 28 10.64 2.08 4.71
C VAL A 28 9.25 1.63 5.18
N ILE A 29 8.33 2.59 5.25
CA ILE A 29 6.97 2.30 5.67
C ILE A 29 6.00 3.28 5.02
N GLY A 30 4.81 2.82 4.75
CA GLY A 30 3.79 3.64 4.14
C GLY A 30 2.41 3.12 4.46
N TYR A 31 1.43 3.43 3.63
CA TYR A 31 0.08 2.95 3.87
C TYR A 31 -0.59 2.54 2.58
N CYS A 32 -1.35 1.46 2.63
CA CYS A 32 -2.06 0.97 1.47
C CYS A 32 -3.38 1.72 1.32
N ARG A 33 -3.64 2.19 0.12
CA ARG A 33 -4.87 2.90 -0.16
C ARG A 33 -5.35 2.50 -1.55
N ASN A 34 -6.65 2.36 -1.72
CA ASN A 34 -7.19 1.98 -3.01
C ASN A 34 -7.05 3.13 -4.00
N PRO A 35 -6.61 2.84 -5.24
CA PRO A 35 -6.39 3.84 -6.28
C PRO A 35 -7.67 4.49 -6.80
N SER A 36 -8.82 4.11 -6.22
CA SER A 36 -10.09 4.67 -6.66
C SER A 36 -10.41 5.94 -5.88
N GLY A 37 -10.31 5.86 -4.58
CA GLY A 37 -10.59 7.00 -3.73
C GLY A 37 -10.70 6.60 -2.27
N ALA A 1 -12.66 -0.48 -3.97
CA ALA A 1 -11.85 -1.49 -3.28
C ALA A 1 -11.63 -1.09 -1.81
N SER A 2 -11.82 -2.04 -0.91
CA SER A 2 -11.66 -1.81 0.51
C SER A 2 -10.19 -1.85 0.92
N CYS A 3 -9.40 -1.00 0.30
CA CYS A 3 -7.97 -0.94 0.58
C CYS A 3 -7.69 -0.07 1.80
N ASN A 4 -6.90 -0.62 2.73
CA ASN A 4 -6.52 0.09 3.96
C ASN A 4 -5.50 -0.73 4.73
N GLY A 5 -4.62 -0.05 5.44
CA GLY A 5 -3.60 -0.73 6.21
C GLY A 5 -2.23 -0.14 5.99
N VAL A 6 -1.21 -0.97 6.12
CA VAL A 6 0.17 -0.55 5.94
C VAL A 6 0.79 -1.29 4.76
N CYS A 7 1.65 -0.61 4.01
CA CYS A 7 2.30 -1.22 2.87
C CYS A 7 3.78 -0.83 2.84
N SER A 8 4.66 -1.81 2.76
CA SER A 8 6.10 -1.52 2.71
C SER A 8 6.52 -1.30 1.26
N PRO A 9 7.32 -0.26 1.02
CA PRO A 9 7.81 0.06 -0.33
C PRO A 9 8.76 -1.01 -0.87
N PHE A 10 9.32 -1.79 0.03
CA PHE A 10 10.24 -2.85 -0.34
C PHE A 10 9.49 -4.14 -0.63
N GLU A 11 8.44 -4.39 0.16
CA GLU A 11 7.61 -5.56 -0.03
C GLU A 11 6.79 -5.41 -1.29
N MET A 12 6.69 -6.47 -2.07
CA MET A 12 5.93 -6.41 -3.31
C MET A 12 5.17 -7.72 -3.53
N PRO A 13 3.83 -7.65 -3.63
CA PRO A 13 3.08 -6.41 -3.53
C PRO A 13 3.01 -5.88 -2.10
N PRO A 14 3.24 -4.56 -1.92
CA PRO A 14 3.25 -3.90 -0.61
C PRO A 14 2.03 -4.24 0.25
N CYS A 15 0.84 -3.94 -0.25
CA CYS A 15 -0.40 -4.19 0.47
C CYS A 15 -0.88 -5.63 0.24
N GLY A 16 0.03 -6.49 -0.25
CA GLY A 16 -0.31 -7.87 -0.50
C GLY A 16 -1.37 -8.03 -1.57
N THR A 17 -1.41 -7.08 -2.50
CA THR A 17 -2.37 -7.11 -3.59
C THR A 17 -2.05 -6.03 -4.61
N SER A 18 -2.21 -6.35 -5.87
CA SER A 18 -1.94 -5.42 -6.95
C SER A 18 -3.12 -4.44 -7.13
N ALA A 19 -4.29 -4.86 -6.65
CA ALA A 19 -5.50 -4.05 -6.75
C ALA A 19 -5.38 -2.76 -5.94
N CYS A 20 -4.70 -2.85 -4.81
CA CYS A 20 -4.50 -1.71 -3.94
C CYS A 20 -3.14 -1.08 -4.18
N ARG A 21 -3.07 0.24 -4.08
CA ARG A 21 -1.81 0.95 -4.29
C ARG A 21 -1.15 1.28 -2.96
N CYS A 22 0.16 1.40 -2.98
CA CYS A 22 0.92 1.71 -1.78
C CYS A 22 1.28 3.19 -1.73
N ILE A 23 1.10 3.79 -0.56
CA ILE A 23 1.44 5.19 -0.36
C ILE A 23 2.69 5.29 0.50
N PRO A 24 3.86 5.53 -0.11
CA PRO A 24 5.15 5.62 0.60
C PRO A 24 5.30 6.90 1.43
N VAL A 25 4.53 7.00 2.49
CA VAL A 25 4.59 8.16 3.37
C VAL A 25 5.87 8.14 4.21
N GLY A 26 6.26 6.95 4.64
CA GLY A 26 7.47 6.79 5.43
C GLY A 26 8.67 6.55 4.55
N LEU A 27 9.77 6.10 5.16
CA LEU A 27 10.98 5.82 4.42
C LEU A 27 10.98 4.37 3.96
N VAL A 28 10.67 3.47 4.89
CA VAL A 28 10.61 2.05 4.59
C VAL A 28 9.26 1.49 4.97
N ILE A 29 8.28 2.40 5.03
CA ILE A 29 6.92 2.03 5.36
C ILE A 29 5.94 3.01 4.74
N GLY A 30 4.74 2.53 4.47
CA GLY A 30 3.71 3.35 3.89
C GLY A 30 2.36 2.83 4.28
N TYR A 31 1.29 3.33 3.70
CA TYR A 31 -0.02 2.84 4.04
C TYR A 31 -0.79 2.44 2.79
N CYS A 32 -1.61 1.41 2.94
CA CYS A 32 -2.39 0.90 1.83
C CYS A 32 -3.59 1.80 1.55
N ARG A 33 -3.76 2.15 0.29
CA ARG A 33 -4.87 3.01 -0.11
C ARG A 33 -5.44 2.55 -1.45
N ASN A 34 -6.75 2.69 -1.60
CA ASN A 34 -7.43 2.30 -2.81
C ASN A 34 -7.11 3.31 -3.92
N PRO A 35 -6.88 2.80 -5.13
CA PRO A 35 -6.53 3.62 -6.30
C PRO A 35 -7.61 4.61 -6.73
N SER A 36 -8.72 4.64 -6.02
CA SER A 36 -9.80 5.56 -6.32
C SER A 36 -9.58 6.88 -5.58
N GLY A 37 -9.09 6.77 -4.37
CA GLY A 37 -8.82 7.94 -3.55
C GLY A 37 -10.04 8.36 -2.75
N ALA A 1 -10.32 -5.67 -2.47
CA ALA A 1 -9.88 -5.71 -1.06
C ALA A 1 -10.05 -4.34 -0.40
N SER A 2 -10.48 -4.35 0.86
CA SER A 2 -10.68 -3.12 1.61
C SER A 2 -9.35 -2.53 2.06
N CYS A 3 -8.57 -2.08 1.08
CA CYS A 3 -7.26 -1.51 1.32
C CYS A 3 -7.35 -0.21 2.11
N ASN A 4 -6.70 -0.20 3.27
CA ASN A 4 -6.67 0.96 4.15
C ASN A 4 -5.76 0.68 5.35
N GLY A 5 -4.66 0.01 5.09
CA GLY A 5 -3.72 -0.31 6.15
C GLY A 5 -2.33 0.19 5.85
N VAL A 6 -1.34 -0.49 6.39
CA VAL A 6 0.05 -0.12 6.19
C VAL A 6 0.71 -1.04 5.16
N CYS A 7 1.65 -0.49 4.40
CA CYS A 7 2.35 -1.26 3.39
C CYS A 7 3.78 -0.77 3.24
N SER A 8 4.70 -1.69 3.06
CA SER A 8 6.08 -1.36 2.88
C SER A 8 6.36 -1.20 1.38
N PRO A 9 7.04 -0.13 0.97
CA PRO A 9 7.35 0.14 -0.44
C PRO A 9 8.20 -0.95 -1.07
N PHE A 10 8.88 -1.72 -0.24
CA PHE A 10 9.74 -2.79 -0.71
C PHE A 10 8.94 -4.07 -0.88
N GLU A 11 7.91 -4.24 -0.07
CA GLU A 11 7.07 -5.41 -0.14
C GLU A 11 6.16 -5.35 -1.37
N MET A 12 6.22 -6.39 -2.19
CA MET A 12 5.41 -6.46 -3.41
C MET A 12 4.87 -7.87 -3.61
N PRO A 13 3.58 -8.00 -3.97
CA PRO A 13 2.68 -6.85 -4.17
C PRO A 13 2.39 -6.10 -2.86
N PRO A 14 2.41 -4.77 -2.92
CA PRO A 14 2.16 -3.93 -1.75
C PRO A 14 0.83 -4.21 -1.06
N CYS A 15 0.89 -4.40 0.26
CA CYS A 15 -0.29 -4.68 1.06
C CYS A 15 -0.94 -6.00 0.63
N GLY A 16 -0.11 -6.89 0.09
CA GLY A 16 -0.59 -8.18 -0.37
C GLY A 16 -1.63 -8.07 -1.47
N THR A 17 -1.44 -7.13 -2.39
CA THR A 17 -2.37 -6.94 -3.48
C THR A 17 -1.77 -6.05 -4.56
N SER A 18 -2.06 -6.37 -5.80
CA SER A 18 -1.56 -5.61 -6.93
C SER A 18 -2.58 -4.56 -7.36
N ALA A 19 -3.80 -4.72 -6.87
CA ALA A 19 -4.89 -3.81 -7.20
C ALA A 19 -4.78 -2.47 -6.48
N CYS A 20 -4.25 -2.50 -5.27
CA CYS A 20 -4.11 -1.30 -4.48
C CYS A 20 -2.70 -0.74 -4.58
N ARG A 21 -2.58 0.57 -4.40
CA ARG A 21 -1.28 1.23 -4.47
C ARG A 21 -0.72 1.48 -3.08
N CYS A 22 0.60 1.39 -2.96
CA CYS A 22 1.27 1.62 -1.70
C CYS A 22 1.80 3.04 -1.63
N ILE A 23 1.52 3.73 -0.55
CA ILE A 23 1.96 5.10 -0.38
C ILE A 23 3.15 5.18 0.57
N PRO A 24 4.34 5.46 0.03
CA PRO A 24 5.58 5.56 0.81
C PRO A 24 5.68 6.86 1.61
N VAL A 25 4.80 7.01 2.59
CA VAL A 25 4.79 8.18 3.44
C VAL A 25 6.00 8.16 4.37
N GLY A 26 6.31 6.98 4.91
CA GLY A 26 7.45 6.83 5.78
C GLY A 26 8.72 6.59 4.97
N LEU A 27 9.78 6.19 5.64
CA LEU A 27 11.05 5.92 4.96
C LEU A 27 10.98 4.59 4.21
N VAL A 28 10.63 3.53 4.93
CA VAL A 28 10.51 2.20 4.34
C VAL A 28 9.19 1.59 4.77
N ILE A 29 8.24 2.47 5.02
CA ILE A 29 6.91 2.08 5.43
C ILE A 29 5.91 3.13 4.94
N GLY A 30 4.67 2.71 4.75
CA GLY A 30 3.66 3.63 4.28
C GLY A 30 2.28 3.11 4.56
N TYR A 31 1.34 3.41 3.68
CA TYR A 31 -0.02 2.93 3.86
C TYR A 31 -0.60 2.52 2.52
N CYS A 32 -1.27 1.38 2.51
CA CYS A 32 -1.88 0.89 1.29
C CYS A 32 -3.27 1.46 1.14
N ARG A 33 -3.50 2.12 0.02
CA ARG A 33 -4.79 2.73 -0.23
C ARG A 33 -5.31 2.28 -1.59
N ASN A 34 -6.62 2.21 -1.71
CA ASN A 34 -7.23 1.82 -2.96
C ASN A 34 -7.15 2.98 -3.94
N PRO A 35 -6.77 2.71 -5.19
CA PRO A 35 -6.66 3.75 -6.22
C PRO A 35 -8.03 4.25 -6.71
N SER A 36 -8.94 4.44 -5.77
CA SER A 36 -10.28 4.91 -6.09
C SER A 36 -10.88 5.71 -4.93
N GLY A 37 -10.01 6.33 -4.14
CA GLY A 37 -10.48 7.11 -3.01
C GLY A 37 -9.34 7.63 -2.16
#